data_7D83
#
_entry.id   7D83
#
_cell.length_a   72.312
_cell.length_b   72.312
_cell.length_c   65.845
_cell.angle_alpha   90.000
_cell.angle_beta   90.000
_cell.angle_gamma   120.000
#
_symmetry.space_group_name_H-M   'P 31 2 1'
#
loop_
_entity.id
_entity.type
_entity.pdbx_description
1 polymer Integrase
2 non-polymer 'SULFATE ION'
3 non-polymer '(2S)-2-[2-(cyclohexylcarbamoylamino)-3,6-dimethyl-5-(5-methyl-3,4-dihydro-2H-chromen-6-yl)pyridin-4-yl]-2-[(2-methylpropan-2-yl)oxy]ethanoic acid'
4 water water
#
_entity_poly.entity_id   1
_entity_poly.type   'polypeptide(L)'
_entity_poly.pdbx_seq_one_letter_code
;GSHMHGQVDCSPGIWQLD(CAF)THLEGKVILVAVHVASGYIEAEVIPAETGQETAYFLLKLAGRWPVKTVHTDNGSNFT
STTVKAA(CAF)WWAGIKQEFGIPYNPQSQGVIESMNKELKKIIGQVRDQAEHLKTAVQMAVFIHNKKRKGGIGGYSAGE
RIVDIIATDIQTKE
;
_entity_poly.pdbx_strand_id   A
#
loop_
_chem_comp.id
_chem_comp.type
_chem_comp.name
_chem_comp.formula
GZ9 non-polymer '(2S)-2-[2-(cyclohexylcarbamoylamino)-3,6-dimethyl-5-(5-methyl-3,4-dihydro-2H-chromen-6-yl)pyridin-4-yl]-2-[(2-methylpropan-2-yl)oxy]ethanoic acid' 'C30 H41 N3 O5'
SO4 non-polymer 'SULFATE ION' 'O4 S -2'
#
# COMPACT_ATOMS: atom_id res chain seq x y z
N CYS A 10 -10.70 10.87 4.50
CA CYS A 10 -11.03 10.11 5.68
C CYS A 10 -12.09 9.04 5.45
N SER A 11 -12.65 8.97 4.26
CA SER A 11 -13.56 7.87 4.00
C SER A 11 -12.72 6.64 4.17
N PRO A 12 -13.30 5.63 4.77
CA PRO A 12 -12.62 4.41 5.20
C PRO A 12 -12.22 3.43 4.09
N GLY A 13 -12.76 3.61 2.91
CA GLY A 13 -12.51 2.71 1.82
C GLY A 13 -11.50 3.21 0.83
N ILE A 14 -10.78 4.23 1.19
CA ILE A 14 -9.87 4.90 0.30
C ILE A 14 -8.43 4.52 0.53
N TRP A 15 -7.76 4.17 -0.54
CA TRP A 15 -6.43 3.65 -0.48
C TRP A 15 -5.62 4.38 -1.49
N GLN A 16 -4.32 4.45 -1.25
CA GLN A 16 -3.41 5.07 -2.15
C GLN A 16 -2.33 4.11 -2.57
N LEU A 17 -2.04 4.06 -3.85
CA LEU A 17 -1.12 3.11 -4.40
C LEU A 17 -0.05 3.73 -5.29
N ASP A 18 1.20 3.40 -5.06
CA ASP A 18 2.34 3.93 -5.82
C ASP A 18 3.53 2.97 -5.85
N CAF A 19 4.45 3.18 -6.78
CA CAF A 19 5.69 2.42 -6.83
CB CAF A 19 5.88 1.77 -8.20
C CAF A 19 6.86 3.32 -6.58
O CAF A 19 6.97 4.37 -7.20
SG CAF A 19 4.74 0.45 -8.40
AS CAF A 19 3.25 1.28 -9.78
CE1 CAF A 19 2.98 0.02 -11.26
O1 CAF A 19 1.73 1.38 -8.92
N THR A 20 7.73 2.93 -5.65
CA THR A 20 9.05 3.56 -5.51
C THR A 20 10.12 2.60 -5.99
N HIS A 21 11.29 3.15 -6.25
CA HIS A 21 12.41 2.37 -6.70
C HIS A 21 13.53 2.39 -5.68
N LEU A 22 14.06 1.22 -5.42
CA LEU A 22 15.19 1.08 -4.57
C LEU A 22 16.02 -0.07 -5.06
N GLU A 23 17.33 0.12 -5.12
CA GLU A 23 18.28 -0.91 -5.46
C GLU A 23 17.97 -1.56 -6.78
N GLY A 24 17.49 -0.77 -7.70
CA GLY A 24 17.07 -1.28 -8.99
C GLY A 24 15.93 -2.24 -8.89
N LYS A 25 15.12 -2.08 -7.85
CA LYS A 25 13.96 -2.92 -7.64
C LYS A 25 12.74 -2.05 -7.42
N VAL A 26 11.56 -2.62 -7.57
CA VAL A 26 10.35 -1.84 -7.51
C VAL A 26 9.58 -2.20 -6.30
N ILE A 27 9.12 -1.22 -5.56
CA ILE A 27 8.30 -1.50 -4.39
C ILE A 27 6.91 -0.93 -4.58
N LEU A 28 5.91 -1.76 -4.44
CA LEU A 28 4.56 -1.27 -4.55
C LEU A 28 4.05 -0.99 -3.18
N VAL A 29 3.56 0.22 -2.95
CA VAL A 29 3.17 0.62 -1.63
C VAL A 29 1.73 1.04 -1.55
N ALA A 30 0.97 0.45 -0.67
CA ALA A 30 -0.40 0.83 -0.47
C ALA A 30 -0.61 1.53 0.86
N VAL A 31 -1.26 2.66 0.83
CA VAL A 31 -1.58 3.37 2.03
C VAL A 31 -3.06 3.55 2.27
N HIS A 32 -3.53 3.17 3.44
CA HIS A 32 -4.89 3.44 3.79
C HIS A 32 -4.91 4.84 4.34
N VAL A 33 -5.55 5.72 3.60
CA VAL A 33 -5.39 7.15 3.75
C VAL A 33 -5.84 7.64 5.10
N ALA A 34 -6.95 7.14 5.58
CA ALA A 34 -7.47 7.57 6.84
C ALA A 34 -6.55 7.24 8.00
N SER A 35 -5.92 6.09 7.95
CA SER A 35 -5.07 5.66 9.04
C SER A 35 -3.56 5.76 8.90
N GLY A 36 -3.04 5.73 7.69
CA GLY A 36 -1.61 5.66 7.48
C GLY A 36 -1.01 4.28 7.50
N TYR A 37 -1.84 3.26 7.57
CA TYR A 37 -1.40 1.90 7.49
C TYR A 37 -0.95 1.58 6.09
N ILE A 38 0.08 0.77 5.95
CA ILE A 38 0.50 0.37 4.63
C ILE A 38 0.70 -1.11 4.45
N GLU A 39 0.65 -1.56 3.21
CA GLU A 39 1.14 -2.86 2.77
C GLU A 39 2.08 -2.60 1.63
N ALA A 40 3.12 -3.37 1.52
CA ALA A 40 4.00 -3.20 0.40
C ALA A 40 4.54 -4.53 -0.08
N GLU A 41 4.92 -4.60 -1.34
CA GLU A 41 5.56 -5.75 -1.89
C GLU A 41 6.62 -5.28 -2.82
N VAL A 42 7.60 -6.15 -2.98
CA VAL A 42 8.63 -5.89 -3.91
C VAL A 42 8.29 -6.73 -5.12
N ILE A 43 8.27 -6.11 -6.26
CA ILE A 43 7.95 -6.81 -7.48
C ILE A 43 9.11 -6.77 -8.42
N PRO A 44 9.19 -7.76 -9.27
CA PRO A 44 10.25 -7.80 -10.26
C PRO A 44 10.16 -6.64 -11.22
N ALA A 45 8.99 -6.41 -11.77
CA ALA A 45 8.86 -5.37 -12.76
C ALA A 45 7.67 -4.53 -12.51
N GLU A 46 7.74 -3.27 -12.91
CA GLU A 46 6.66 -2.35 -12.71
C GLU A 46 5.58 -2.46 -13.77
N THR A 47 4.95 -3.61 -13.88
CA THR A 47 3.87 -3.84 -14.83
C THR A 47 2.49 -3.77 -14.27
N GLY A 48 1.55 -3.71 -15.18
CA GLY A 48 0.13 -3.72 -14.94
C GLY A 48 -0.36 -4.99 -14.32
N GLN A 49 0.21 -6.10 -14.71
CA GLN A 49 -0.13 -7.37 -14.16
C GLN A 49 0.22 -7.48 -12.70
N GLU A 50 1.35 -6.93 -12.33
CA GLU A 50 1.75 -6.95 -10.96
C GLU A 50 0.78 -6.18 -10.08
N THR A 51 0.35 -5.04 -10.57
CA THR A 51 -0.58 -4.16 -9.90
C THR A 51 -1.94 -4.74 -9.73
N ALA A 52 -2.40 -5.42 -10.76
CA ALA A 52 -3.69 -6.03 -10.76
C ALA A 52 -3.76 -7.13 -9.72
N TYR A 53 -2.74 -7.93 -9.67
CA TYR A 53 -2.62 -8.99 -8.72
C TYR A 53 -2.54 -8.47 -7.30
N PHE A 54 -1.84 -7.38 -7.11
CA PHE A 54 -1.70 -6.75 -5.82
C PHE A 54 -3.02 -6.23 -5.30
N LEU A 55 -3.77 -5.66 -6.20
CA LEU A 55 -5.08 -5.13 -5.96
C LEU A 55 -6.03 -6.19 -5.54
N LEU A 56 -5.91 -7.33 -6.16
CA LEU A 56 -6.70 -8.45 -5.79
C LEU A 56 -6.42 -8.89 -4.39
N LYS A 57 -5.16 -8.94 -4.02
CA LYS A 57 -4.81 -9.36 -2.71
C LYS A 57 -5.34 -8.41 -1.67
N LEU A 58 -5.19 -7.14 -1.94
CA LEU A 58 -5.63 -6.09 -1.06
C LEU A 58 -7.13 -6.02 -0.83
N ALA A 59 -7.88 -6.15 -1.90
CA ALA A 59 -9.32 -6.12 -1.85
C ALA A 59 -9.96 -7.24 -1.06
N GLY A 60 -9.36 -8.41 -1.08
CA GLY A 60 -9.74 -9.54 -0.28
C GLY A 60 -9.53 -9.39 1.19
N ARG A 61 -8.44 -8.76 1.52
CA ARG A 61 -8.07 -8.34 2.85
C ARG A 61 -8.85 -7.17 3.47
N TRP A 62 -9.17 -6.18 2.69
CA TRP A 62 -9.75 -5.00 3.27
C TRP A 62 -10.89 -4.58 2.40
N PRO A 63 -11.74 -3.71 2.90
CA PRO A 63 -12.82 -3.23 2.08
C PRO A 63 -12.32 -2.04 1.33
N VAL A 64 -12.03 -2.24 0.06
CA VAL A 64 -11.41 -1.22 -0.74
C VAL A 64 -12.44 -0.68 -1.69
N LYS A 65 -12.80 0.57 -1.52
CA LYS A 65 -13.78 1.17 -2.36
C LYS A 65 -13.16 2.00 -3.49
N THR A 66 -12.17 2.81 -3.17
CA THR A 66 -11.56 3.65 -4.17
C THR A 66 -10.06 3.63 -4.08
N VAL A 67 -9.38 3.83 -5.19
CA VAL A 67 -7.95 3.89 -5.16
C VAL A 67 -7.43 5.15 -5.85
N HIS A 68 -6.49 5.84 -5.24
CA HIS A 68 -5.86 7.00 -5.82
C HIS A 68 -4.43 6.66 -6.05
N THR A 69 -3.82 7.28 -7.02
CA THR A 69 -2.41 7.10 -7.27
C THR A 69 -1.82 8.41 -7.73
N ASP A 70 -0.51 8.54 -7.62
CA ASP A 70 0.18 9.72 -8.06
C ASP A 70 0.64 9.57 -9.49
N ASN A 71 0.38 8.43 -10.08
CA ASN A 71 0.68 8.16 -11.46
C ASN A 71 -0.49 7.48 -12.17
N GLY A 72 -1.34 8.27 -12.78
CA GLY A 72 -2.58 7.80 -13.36
C GLY A 72 -2.37 6.74 -14.41
N SER A 73 -1.26 6.79 -15.09
CA SER A 73 -1.02 5.87 -16.17
C SER A 73 -0.86 4.45 -15.70
N ASN A 74 -0.65 4.27 -14.41
CA ASN A 74 -0.52 2.97 -13.78
C ASN A 74 -1.78 2.17 -13.93
N PHE A 75 -2.89 2.86 -13.98
CA PHE A 75 -4.17 2.24 -13.89
C PHE A 75 -4.81 2.06 -15.26
N THR A 76 -4.07 2.29 -16.33
CA THR A 76 -4.62 2.16 -17.66
C THR A 76 -4.59 0.79 -18.27
N SER A 77 -3.89 -0.17 -17.70
CA SER A 77 -3.86 -1.49 -18.27
C SER A 77 -5.14 -2.25 -18.16
N THR A 78 -5.37 -3.09 -19.13
CA THR A 78 -6.55 -3.88 -19.16
C THR A 78 -6.56 -4.79 -17.95
N THR A 79 -5.42 -5.31 -17.59
CA THR A 79 -5.36 -6.23 -16.49
C THR A 79 -5.77 -5.56 -15.21
N VAL A 80 -5.32 -4.35 -14.99
CA VAL A 80 -5.68 -3.61 -13.80
C VAL A 80 -7.17 -3.34 -13.76
N LYS A 81 -7.72 -3.01 -14.89
CA LYS A 81 -9.14 -2.73 -14.99
C LYS A 81 -9.96 -3.94 -14.67
N ALA A 82 -9.49 -5.10 -15.09
CA ALA A 82 -10.19 -6.32 -14.86
C ALA A 82 -10.27 -6.56 -13.37
N ALA A 83 -9.20 -6.29 -12.67
CA ALA A 83 -9.11 -6.45 -11.21
C ALA A 83 -10.06 -5.52 -10.46
N CAF A 84 -10.10 -4.26 -10.88
CA CAF A 84 -10.99 -3.25 -10.28
CB CAF A 84 -10.65 -1.86 -10.80
C CAF A 84 -12.43 -3.57 -10.59
O CAF A 84 -13.29 -3.40 -9.73
SG CAF A 84 -9.09 -1.33 -10.17
AS CAF A 84 -9.24 0.86 -10.38
CE1 CAF A 84 -7.94 1.58 -9.10
O1 CAF A 84 -8.71 1.27 -11.99
N TRP A 85 -12.71 -4.03 -11.81
CA TRP A 85 -14.05 -4.46 -12.19
C TRP A 85 -14.55 -5.60 -11.30
N TRP A 86 -13.77 -6.65 -11.20
CA TRP A 86 -14.17 -7.83 -10.45
C TRP A 86 -14.35 -7.62 -8.97
N ALA A 87 -13.52 -6.78 -8.38
CA ALA A 87 -13.56 -6.53 -6.98
C ALA A 87 -14.40 -5.34 -6.60
N GLY A 88 -14.99 -4.69 -7.57
CA GLY A 88 -15.74 -3.46 -7.39
C GLY A 88 -15.07 -2.23 -6.86
N ILE A 89 -13.95 -1.89 -7.44
CA ILE A 89 -13.16 -0.75 -7.03
C ILE A 89 -13.24 0.30 -8.08
N LYS A 90 -13.39 1.54 -7.67
CA LYS A 90 -13.43 2.67 -8.56
C LYS A 90 -12.18 3.46 -8.41
N GLN A 91 -11.83 4.19 -9.43
CA GLN A 91 -10.68 5.03 -9.34
C GLN A 91 -11.08 6.35 -8.69
N GLU A 92 -10.11 7.03 -8.13
CA GLU A 92 -10.35 8.27 -7.42
C GLU A 92 -9.54 9.38 -8.09
N PHE A 93 -10.23 10.42 -8.56
CA PHE A 93 -9.55 11.55 -9.20
C PHE A 93 -10.07 12.91 -8.75
N ILE A 105 -0.99 13.19 0.08
CA ILE A 105 -0.40 14.04 1.10
C ILE A 105 0.48 13.21 2.03
N GLU A 106 0.72 11.96 1.65
CA GLU A 106 1.55 11.07 2.42
C GLU A 106 2.52 11.89 3.29
N SER A 107 3.79 11.97 2.91
CA SER A 107 4.31 11.13 1.86
C SER A 107 5.10 10.09 2.59
N MET A 108 4.56 8.88 2.61
CA MET A 108 5.16 7.85 3.42
C MET A 108 6.15 7.07 2.67
N ASN A 109 6.21 7.29 1.40
CA ASN A 109 7.23 6.63 0.68
C ASN A 109 8.57 7.11 1.19
N LYS A 110 8.66 8.38 1.55
CA LYS A 110 9.88 8.87 2.17
C LYS A 110 10.09 8.23 3.52
N GLU A 111 9.06 8.24 4.33
CA GLU A 111 9.18 7.70 5.65
C GLU A 111 9.50 6.21 5.58
N LEU A 112 8.86 5.51 4.68
CA LEU A 112 9.10 4.11 4.55
C LEU A 112 10.50 3.88 4.12
N LYS A 113 10.95 4.69 3.19
CA LYS A 113 12.29 4.63 2.68
C LYS A 113 13.28 4.90 3.79
N LYS A 114 12.89 5.78 4.68
CA LYS A 114 13.72 6.10 5.80
C LYS A 114 13.90 4.91 6.68
N ILE A 115 12.79 4.29 7.04
CA ILE A 115 12.84 3.10 7.84
C ILE A 115 13.56 1.96 7.16
N ILE A 116 13.40 1.81 5.86
CA ILE A 116 14.09 0.74 5.18
C ILE A 116 15.57 0.95 5.33
N GLY A 117 16.01 2.18 5.24
CA GLY A 117 17.41 2.46 5.34
C GLY A 117 18.01 2.08 6.68
N GLN A 118 17.28 2.31 7.75
CA GLN A 118 17.75 1.97 9.08
C GLN A 118 17.97 0.50 9.28
N VAL A 119 17.08 -0.31 8.73
CA VAL A 119 17.15 -1.73 8.94
C VAL A 119 17.80 -2.50 7.82
N ARG A 120 18.23 -1.84 6.77
CA ARG A 120 18.65 -2.53 5.58
C ARG A 120 19.79 -3.46 5.83
N ASP A 121 20.62 -3.10 6.79
CA ASP A 121 21.84 -3.84 7.09
C ASP A 121 21.51 -5.19 7.66
N GLN A 122 20.34 -5.25 8.24
CA GLN A 122 19.88 -6.45 8.89
C GLN A 122 19.54 -7.62 7.99
N ALA A 123 19.24 -7.36 6.74
CA ALA A 123 18.78 -8.42 5.89
C ALA A 123 19.49 -8.45 4.60
N GLU A 124 19.63 -9.63 4.03
CA GLU A 124 20.16 -9.77 2.71
C GLU A 124 19.28 -9.20 1.62
N HIS A 125 18.01 -9.55 1.63
CA HIS A 125 17.11 -9.15 0.58
C HIS A 125 16.41 -7.89 0.87
N LEU A 126 16.20 -7.07 -0.13
CA LEU A 126 15.52 -5.83 0.04
C LEU A 126 14.11 -6.09 0.53
N LYS A 127 13.49 -7.15 0.08
CA LYS A 127 12.11 -7.42 0.41
C LYS A 127 11.90 -7.65 1.88
N THR A 128 12.83 -8.33 2.51
CA THR A 128 12.81 -8.56 3.93
C THR A 128 12.90 -7.28 4.72
N ALA A 129 13.76 -6.39 4.31
CA ALA A 129 13.90 -5.10 4.92
C ALA A 129 12.65 -4.28 4.79
N VAL A 130 12.01 -4.38 3.64
CA VAL A 130 10.77 -3.69 3.39
C VAL A 130 9.66 -4.16 4.29
N GLN A 131 9.53 -5.45 4.46
CA GLN A 131 8.56 -6.00 5.35
C GLN A 131 8.85 -5.63 6.76
N MET A 132 10.11 -5.57 7.12
CA MET A 132 10.50 -5.11 8.43
C MET A 132 10.08 -3.68 8.63
N ALA A 133 10.29 -2.86 7.63
CA ALA A 133 9.86 -1.48 7.69
C ALA A 133 8.36 -1.32 7.77
N VAL A 134 7.61 -2.15 7.09
CA VAL A 134 6.19 -2.09 7.16
C VAL A 134 5.75 -2.38 8.56
N PHE A 135 6.37 -3.38 9.18
CA PHE A 135 6.04 -3.80 10.50
C PHE A 135 6.29 -2.70 11.47
N ILE A 136 7.43 -2.07 11.38
CA ILE A 136 7.72 -1.01 12.29
C ILE A 136 6.77 0.15 12.18
N HIS A 137 6.47 0.59 10.97
CA HIS A 137 5.57 1.70 10.77
C HIS A 137 4.19 1.42 11.27
N ASN A 138 3.64 0.27 10.96
CA ASN A 138 2.28 -0.04 11.33
C ASN A 138 2.10 -0.16 12.84
N LYS A 139 3.11 -0.70 13.47
CA LYS A 139 3.19 -0.87 14.91
C LYS A 139 3.38 0.37 15.77
N LYS A 140 4.21 1.29 15.31
CA LYS A 140 4.60 2.48 16.04
C LYS A 140 3.45 3.42 16.42
N ARG A 141 3.45 3.85 17.68
CA ARG A 141 2.40 4.72 18.18
C ARG A 141 2.89 6.14 18.23
N LYS A 142 2.11 7.06 17.66
CA LYS A 142 2.41 8.48 17.77
C LYS A 142 1.30 9.34 17.20
N GLY A 147 -3.06 7.76 21.34
CA GLY A 147 -1.83 7.38 20.66
C GLY A 147 -1.84 5.97 20.10
N TYR A 148 -2.71 5.73 19.13
CA TYR A 148 -2.71 4.47 18.44
C TYR A 148 -1.66 4.38 17.36
N SER A 149 -1.29 3.17 17.01
CA SER A 149 -0.48 2.89 15.86
C SER A 149 -1.41 2.87 14.67
N ALA A 150 -0.83 2.92 13.49
CA ALA A 150 -1.61 2.85 12.28
C ALA A 150 -2.35 1.54 12.22
N GLY A 151 -1.71 0.47 12.66
CA GLY A 151 -2.35 -0.83 12.65
C GLY A 151 -3.58 -0.87 13.50
N GLU A 152 -3.51 -0.21 14.65
CA GLU A 152 -4.66 -0.06 15.48
C GLU A 152 -5.72 0.81 14.85
N ARG A 153 -5.31 1.90 14.22
CA ARG A 153 -6.25 2.85 13.64
C ARG A 153 -7.08 2.29 12.51
N ILE A 154 -6.47 1.52 11.64
CA ILE A 154 -7.22 0.94 10.57
C ILE A 154 -8.30 -0.01 11.06
N VAL A 155 -8.00 -0.84 12.05
CA VAL A 155 -9.05 -1.71 12.58
C VAL A 155 -10.15 -0.94 13.28
N ASP A 156 -9.78 0.07 14.02
CA ASP A 156 -10.75 0.89 14.70
C ASP A 156 -11.64 1.57 13.69
N ILE A 157 -11.06 2.15 12.66
CA ILE A 157 -11.87 2.79 11.65
C ILE A 157 -12.79 1.85 10.91
N ILE A 158 -12.27 0.74 10.43
CA ILE A 158 -13.11 -0.18 9.71
C ILE A 158 -14.20 -0.82 10.52
N ALA A 159 -13.90 -1.21 11.75
CA ALA A 159 -14.87 -1.84 12.61
C ALA A 159 -16.00 -0.89 12.97
N THR A 160 -15.64 0.33 13.26
CA THR A 160 -16.62 1.32 13.62
C THR A 160 -17.56 1.52 12.48
N ASP A 161 -17.00 1.62 11.29
CA ASP A 161 -17.77 1.87 10.10
C ASP A 161 -18.70 0.73 9.83
N ILE A 162 -18.42 -0.42 10.39
CA ILE A 162 -19.23 -1.59 10.10
C ILE A 162 -20.55 -1.59 10.83
N GLN A 163 -20.57 -1.06 12.03
CA GLN A 163 -21.81 -0.93 12.76
C GLN A 163 -22.00 0.51 13.20
S SO4 B . 11.17 6.78 -6.98
O1 SO4 B . 11.85 8.06 -7.07
O2 SO4 B . 11.87 5.91 -6.04
O3 SO4 B . 9.80 7.00 -6.52
O4 SO4 B . 11.14 6.14 -8.29
S SO4 C . 17.92 -8.97 -3.18
O1 SO4 C . 17.66 -7.60 -2.74
O2 SO4 C . 18.47 -8.97 -4.54
O3 SO4 C . 16.69 -9.76 -3.18
O4 SO4 C . 18.89 -9.58 -2.28
S SO4 D . -1.78 -5.30 -19.63
O1 SO4 D . -1.09 -4.50 -20.64
O2 SO4 D . -1.12 -5.13 -18.34
O3 SO4 D . -1.73 -6.71 -20.02
O4 SO4 D . -3.17 -4.87 -19.54
C1 GZ9 E . -7.44 -9.69 -17.65
C2 GZ9 E . -6.26 -10.57 -17.44
C3 GZ9 E . -4.33 -11.53 -18.27
C4 GZ9 E . -3.59 -11.25 -20.45
C5 GZ9 E . -4.60 -9.67 -21.93
C6 GZ9 E . -4.98 -8.23 -21.70
N1 GZ9 E . -5.39 -10.75 -18.44
N2 GZ9 E . -3.45 -11.71 -19.25
N3 GZ9 E . -4.47 -10.33 -20.66
O1 GZ9 E . -2.91 -11.66 -21.33
C7 GZ9 E . -5.04 -7.45 -23.00
C8 GZ9 E . -6.08 -8.06 -23.92
C9 GZ9 E . -5.89 -9.56 -24.08
C10 GZ9 E . -5.70 -10.29 -22.76
C11 GZ9 E . -4.13 -12.15 -17.10
C12 GZ9 E . -2.93 -13.02 -16.95
C13 GZ9 E . -5.00 -12.00 -16.08
C14 GZ9 E . -4.74 -12.72 -14.81
C15 GZ9 E . -3.01 -11.53 -13.65
O2 GZ9 E . -3.39 -12.62 -14.45
C16 GZ9 E . -2.96 -10.32 -14.54
C17 GZ9 E . -1.64 -11.81 -13.10
C18 GZ9 E . -3.96 -11.32 -12.51
C19 GZ9 E . -5.11 -14.18 -14.94
O3 GZ9 E . -6.01 -14.53 -15.67
O4 GZ9 E . -4.54 -15.01 -14.26
C20 GZ9 E . -6.10 -11.20 -16.25
C21 GZ9 E . -7.03 -11.00 -15.13
C22 GZ9 E . -6.74 -9.94 -14.30
C23 GZ9 E . -7.52 -9.65 -13.21
C24 GZ9 E . -8.59 -10.44 -12.93
C28 GZ9 E . -8.88 -11.51 -13.73
C29 GZ9 E . -8.10 -11.80 -14.82
C30 GZ9 E . -8.44 -12.95 -15.70
O5 GZ9 E . -9.32 -10.16 -11.83
C25 GZ9 E . -10.12 -11.15 -11.28
C26 GZ9 E . -10.93 -11.77 -12.38
C27 GZ9 E . -10.05 -12.39 -13.42
#